data_7FFT
#
_entry.id   7FFT
#
_cell.length_a   88.937
_cell.length_b   89.406
_cell.length_c   64.022
_cell.angle_alpha   90.000
_cell.angle_beta   114.917
_cell.angle_gamma   90.000
#
_symmetry.space_group_name_H-M   'C 1 2 1'
#
loop_
_entity.id
_entity.type
_entity.pdbx_description
1 polymer 'Maltodextrin-binding protein'
2 branched alpha-D-glucopyranose-(1-4)-alpha-D-glucopyranose-(1-4)-alpha-D-glucopyranose-(1-4)-alpha-D-glucopyranose-(1-4)-alpha-D-glucopyranose
3 water water
#
_entity_poly.entity_id   1
_entity_poly.type   'polypeptide(L)'
_entity_poly.pdbx_seq_one_letter_code
;KIEEGKLVIWINGDKGYNGLAEVGKKFEQDTGIKVTVEHPDKLEEKFPQVAATGDGPDIIFWAHDRFGGYAQSGLLAEVT
PDKAFQDKLYPFTWDAVRYNGKLIAYPIAVEALSLIYNKDLVPNPPKTWEEIPALDKELKVKGKSAIMFNLQEPYFTWPL
IAADGGYAFKFENGKYDVKDVGVDNAGAKAGLTFLIDMIKNKNMSADTDYSIAEAAFNKGETAMTINGPWAWSNIDKSKV
NYGVTLLPTFKGKPSKPFVGVLSAGINAASPNKELAKEFLENYLLTDQGLEAVNKDKPLGAVALKSFQEQLAKDPRIAAT
MDNAQKGEIMPNIPQMSAFWYAVRTAVINAASGRQTVDAALKDAQSRITK
;
_entity_poly.pdbx_strand_id   A
#
loop_
_chem_comp.id
_chem_comp.type
_chem_comp.name
_chem_comp.formula
GLC D-saccharide, alpha linking alpha-D-glucopyranose 'C6 H12 O6'
#
# COMPACT_ATOMS: atom_id res chain seq x y z
N GLU A 4 13.28 18.70 28.17
CA GLU A 4 13.34 19.28 26.84
C GLU A 4 14.78 19.66 26.50
N GLY A 5 15.16 19.50 25.23
CA GLY A 5 16.53 19.74 24.82
C GLY A 5 17.44 18.55 24.98
N LYS A 6 16.88 17.37 25.18
CA LYS A 6 17.59 16.13 25.46
C LYS A 6 16.92 15.01 24.68
N LEU A 7 17.63 13.89 24.52
CA LEU A 7 17.00 12.65 24.10
C LEU A 7 17.38 11.55 25.08
N VAL A 8 16.36 10.91 25.66
CA VAL A 8 16.54 9.70 26.45
C VAL A 8 15.99 8.53 25.65
N ILE A 9 16.79 7.47 25.50
CA ILE A 9 16.43 6.32 24.70
C ILE A 9 16.41 5.09 25.59
N TRP A 10 15.40 4.25 25.41
CA TRP A 10 15.34 2.95 26.08
C TRP A 10 15.49 1.84 25.04
N ILE A 11 16.35 0.88 25.33
CA ILE A 11 16.56 -0.26 24.43
C ILE A 11 16.93 -1.45 25.29
N ASN A 12 16.56 -2.64 24.84
CA ASN A 12 16.76 -3.84 25.65
C ASN A 12 18.25 -4.19 25.80
N GLY A 13 18.57 -4.80 26.94
CA GLY A 13 19.95 -5.11 27.33
C GLY A 13 20.63 -6.17 26.47
N ASP A 14 19.91 -6.86 25.60
CA ASP A 14 20.58 -7.77 24.67
C ASP A 14 20.90 -7.13 23.33
N LYS A 15 20.57 -5.85 23.13
CA LYS A 15 20.83 -5.17 21.87
C LYS A 15 22.11 -4.35 21.96
N GLY A 16 22.52 -3.81 20.81
CA GLY A 16 23.76 -3.06 20.75
C GLY A 16 23.66 -1.65 21.30
N TYR A 17 23.43 -1.52 22.61
CA TYR A 17 23.17 -0.20 23.18
C TYR A 17 24.44 0.65 23.27
N ASN A 18 25.62 0.03 23.34
CA ASN A 18 26.84 0.83 23.28
C ASN A 18 27.07 1.39 21.89
N GLY A 19 26.80 0.61 20.85
CA GLY A 19 26.86 1.14 19.50
C GLY A 19 25.82 2.22 19.26
N LEU A 20 24.63 2.05 19.84
CA LEU A 20 23.62 3.10 19.73
C LEU A 20 24.09 4.39 20.40
N ALA A 21 24.74 4.27 21.57
CA ALA A 21 25.23 5.46 22.25
C ALA A 21 26.29 6.19 21.43
N GLU A 22 27.05 5.44 20.62
CA GLU A 22 28.01 6.10 19.74
C GLU A 22 27.31 6.88 18.62
N VAL A 23 26.19 6.38 18.12
CA VAL A 23 25.35 7.17 17.22
C VAL A 23 24.85 8.42 17.94
N GLY A 24 24.53 8.28 19.23
CA GLY A 24 24.10 9.44 20.00
C GLY A 24 25.21 10.45 20.22
N LYS A 25 26.44 9.96 20.39
CA LYS A 25 27.59 10.86 20.50
C LYS A 25 27.77 11.68 19.22
N LYS A 26 27.67 11.03 18.06
CA LYS A 26 27.75 11.78 16.81
C LYS A 26 26.61 12.78 16.70
N PHE A 27 25.41 12.41 17.16
CA PHE A 27 24.30 13.35 17.16
C PHE A 27 24.63 14.59 17.98
N GLU A 28 25.20 14.40 19.18
CA GLU A 28 25.54 15.52 20.03
C GLU A 28 26.66 16.36 19.43
N GLN A 29 27.67 15.72 18.82
CA GLN A 29 28.76 16.47 18.23
C GLN A 29 28.27 17.41 17.13
N ASP A 30 27.25 16.98 16.38
CA ASP A 30 26.74 17.79 15.29
C ASP A 30 25.70 18.82 15.75
N THR A 31 24.91 18.49 16.78
CA THR A 31 23.80 19.34 17.19
C THR A 31 23.91 19.93 18.58
N GLY A 32 24.82 19.44 19.41
CA GLY A 32 24.88 19.84 20.80
C GLY A 32 23.86 19.19 21.70
N ILE A 33 23.00 18.34 21.17
CA ILE A 33 21.93 17.71 21.94
C ILE A 33 22.45 16.41 22.55
N LYS A 34 22.41 16.31 23.88
CA LYS A 34 22.85 15.10 24.56
C LYS A 34 21.86 13.97 24.31
N VAL A 35 22.39 12.77 24.06
CA VAL A 35 21.61 11.55 23.92
C VAL A 35 22.04 10.58 25.00
N THR A 36 21.08 10.10 25.79
CA THR A 36 21.35 9.15 26.86
C THR A 36 20.64 7.84 26.55
N VAL A 37 21.42 6.76 26.42
CA VAL A 37 20.87 5.44 26.13
C VAL A 37 20.85 4.64 27.43
N GLU A 38 19.68 4.14 27.79
CA GLU A 38 19.49 3.29 28.96
C GLU A 38 18.91 1.95 28.54
N HIS A 39 19.18 0.91 29.33
CA HIS A 39 18.62 -0.42 29.10
C HIS A 39 18.02 -0.97 30.39
N PRO A 40 16.94 -0.37 30.89
CA PRO A 40 16.32 -0.87 32.11
C PRO A 40 15.75 -2.27 31.90
N ASP A 41 15.73 -3.06 32.97
CA ASP A 41 15.00 -4.31 32.91
C ASP A 41 13.50 -4.03 32.84
N LYS A 42 12.78 -4.93 32.17
CA LYS A 42 11.32 -4.85 32.04
C LYS A 42 10.90 -3.52 31.41
N LEU A 43 11.73 -2.96 30.52
CA LEU A 43 11.43 -1.64 29.97
C LEU A 43 10.11 -1.64 29.22
N GLU A 44 9.73 -2.77 28.62
CA GLU A 44 8.52 -2.86 27.83
C GLU A 44 7.28 -2.88 28.71
N GLU A 45 7.43 -3.23 30.00
CA GLU A 45 6.35 -3.11 30.96
C GLU A 45 6.37 -1.77 31.68
N LYS A 46 7.57 -1.24 31.92
CA LYS A 46 7.68 0.04 32.61
C LYS A 46 7.18 1.17 31.73
N PHE A 47 7.41 1.07 30.41
CA PHE A 47 7.06 2.19 29.53
C PHE A 47 5.60 2.59 29.63
N PRO A 48 4.62 1.69 29.48
CA PRO A 48 3.22 2.14 29.62
C PRO A 48 2.91 2.73 30.97
N GLN A 49 3.62 2.30 32.03
CA GLN A 49 3.39 2.87 33.35
C GLN A 49 3.90 4.31 33.45
N VAL A 50 5.09 4.58 32.91
CA VAL A 50 5.66 5.91 33.05
C VAL A 50 5.19 6.86 31.94
N ALA A 51 4.96 6.37 30.73
CA ALA A 51 4.44 7.23 29.68
C ALA A 51 3.01 7.68 29.97
N ALA A 52 2.24 6.87 30.72
CA ALA A 52 0.88 7.27 31.06
C ALA A 52 0.87 8.49 31.97
N THR A 53 1.88 8.62 32.83
CA THR A 53 2.03 9.79 33.70
C THR A 53 2.77 10.94 33.03
N GLY A 54 3.02 10.84 31.72
CA GLY A 54 3.74 11.88 31.02
C GLY A 54 5.23 11.88 31.22
N ASP A 55 5.79 10.78 31.72
CA ASP A 55 7.23 10.64 31.88
C ASP A 55 7.74 9.54 30.93
N GLY A 56 8.96 9.06 31.19
CA GLY A 56 9.57 8.01 30.42
C GLY A 56 10.63 8.52 29.46
N PRO A 57 11.03 7.66 28.52
CA PRO A 57 12.02 8.06 27.52
C PRO A 57 11.36 8.75 26.33
N ASP A 58 12.18 9.50 25.60
CA ASP A 58 11.71 10.09 24.35
C ASP A 58 11.48 9.03 23.29
N ILE A 59 12.38 8.02 23.24
CA ILE A 59 12.34 6.98 22.23
C ILE A 59 12.42 5.64 22.94
N ILE A 60 11.55 4.70 22.57
CA ILE A 60 11.58 3.34 23.10
C ILE A 60 11.78 2.36 21.96
N PHE A 61 12.73 1.43 22.15
CA PHE A 61 12.99 0.35 21.21
C PHE A 61 12.42 -0.96 21.75
N TRP A 62 11.68 -1.67 20.90
CA TRP A 62 11.27 -3.05 21.19
C TRP A 62 10.89 -3.68 19.86
N ALA A 63 10.69 -5.00 19.87
CA ALA A 63 10.05 -5.59 18.71
C ALA A 63 8.64 -5.03 18.54
N HIS A 64 8.15 -5.08 17.30
CA HIS A 64 6.91 -4.39 16.96
C HIS A 64 5.68 -5.00 17.63
N ASP A 65 5.77 -6.22 18.18
CA ASP A 65 4.59 -6.84 18.76
C ASP A 65 4.06 -6.10 19.99
N ARG A 66 4.90 -5.27 20.64
CA ARG A 66 4.46 -4.51 21.80
C ARG A 66 3.75 -3.21 21.43
N PHE A 67 3.91 -2.75 20.20
CA PHE A 67 3.62 -1.34 19.91
C PHE A 67 2.15 -1.08 19.69
N GLY A 68 1.38 -2.05 19.21
CA GLY A 68 -0.05 -1.83 19.05
C GLY A 68 -0.74 -1.55 20.38
N GLY A 69 -0.37 -2.29 21.42
CA GLY A 69 -0.87 -2.00 22.75
C GLY A 69 -0.52 -0.60 23.21
N TYR A 70 0.71 -0.16 22.95
CA TYR A 70 1.09 1.20 23.30
C TYR A 70 0.26 2.21 22.53
N ALA A 71 0.08 1.99 21.23
CA ALA A 71 -0.63 2.96 20.40
C ALA A 71 -2.10 3.01 20.76
N GLN A 72 -2.70 1.86 21.08
CA GLN A 72 -4.09 1.83 21.52
C GLN A 72 -4.29 2.69 22.76
N SER A 73 -3.29 2.71 23.64
CA SER A 73 -3.30 3.50 24.85
C SER A 73 -2.88 4.95 24.63
N GLY A 74 -2.61 5.35 23.39
CA GLY A 74 -2.22 6.72 23.11
C GLY A 74 -0.84 7.12 23.57
N LEU A 75 0.05 6.16 23.80
CA LEU A 75 1.39 6.43 24.33
C LEU A 75 2.41 6.77 23.25
N LEU A 76 2.09 6.57 21.98
CA LEU A 76 3.03 6.78 20.90
C LEU A 76 2.60 7.93 20.02
N ALA A 77 3.58 8.71 19.57
CA ALA A 77 3.32 9.73 18.56
C ALA A 77 3.24 9.08 17.18
N GLU A 78 2.35 9.58 16.34
CA GLU A 78 2.40 9.21 14.94
C GLU A 78 3.70 9.71 14.33
N VAL A 79 4.43 8.83 13.66
CA VAL A 79 5.66 9.24 13.02
C VAL A 79 5.32 9.76 11.61
N THR A 80 6.14 10.70 11.11
CA THR A 80 5.80 11.45 9.90
C THR A 80 6.90 11.43 8.85
N PRO A 81 7.42 10.26 8.45
CA PRO A 81 8.40 10.21 7.37
C PRO A 81 7.75 10.56 6.04
N ASP A 82 8.46 11.33 5.22
CA ASP A 82 7.90 11.61 3.90
C ASP A 82 8.12 10.43 2.97
N LYS A 83 7.56 10.52 1.76
CA LYS A 83 7.59 9.38 0.84
C LYS A 83 9.01 9.02 0.47
N ALA A 84 9.89 10.02 0.34
CA ALA A 84 11.28 9.73 -0.01
C ALA A 84 11.96 8.92 1.08
N PHE A 85 11.65 9.19 2.35
CA PHE A 85 12.26 8.40 3.41
C PHE A 85 11.63 7.01 3.50
N GLN A 86 10.30 6.94 3.38
CA GLN A 86 9.64 5.64 3.42
C GLN A 86 10.18 4.70 2.35
N ASP A 87 10.54 5.25 1.18
CA ASP A 87 11.09 4.46 0.10
C ASP A 87 12.41 3.80 0.47
N LYS A 88 13.10 4.31 1.49
CA LYS A 88 14.40 3.79 1.87
C LYS A 88 14.30 2.50 2.69
N LEU A 89 13.13 2.18 3.23
CA LEU A 89 12.94 0.98 4.04
C LEU A 89 12.00 0.01 3.33
N TYR A 90 12.12 -1.28 3.69
CA TYR A 90 11.31 -2.29 3.04
C TYR A 90 9.83 -2.10 3.40
N PRO A 91 8.93 -2.23 2.43
CA PRO A 91 7.50 -1.99 2.72
C PRO A 91 6.94 -2.87 3.84
N PHE A 92 7.31 -4.15 3.90
CA PHE A 92 6.76 -4.98 4.96
C PHE A 92 7.19 -4.51 6.35
N THR A 93 8.31 -3.78 6.45
CA THR A 93 8.71 -3.29 7.77
C THR A 93 7.82 -2.14 8.21
N TRP A 94 7.42 -1.27 7.28
CA TRP A 94 6.42 -0.25 7.62
C TRP A 94 5.09 -0.89 8.02
N ASP A 95 4.69 -1.97 7.34
CA ASP A 95 3.46 -2.67 7.71
C ASP A 95 3.48 -3.11 9.16
N ALA A 96 4.63 -3.60 9.62
CA ALA A 96 4.75 -4.08 10.98
C ALA A 96 4.52 -2.98 12.01
N VAL A 97 4.73 -1.71 11.65
CA VAL A 97 4.62 -0.62 12.60
C VAL A 97 3.43 0.27 12.25
N ARG A 98 2.47 -0.24 11.48
CA ARG A 98 1.25 0.48 11.16
C ARG A 98 0.13 -0.05 12.04
N TYR A 99 -0.58 0.87 12.71
CA TYR A 99 -1.65 0.51 13.62
C TYR A 99 -2.80 1.47 13.40
N ASN A 100 -3.99 0.92 13.10
CA ASN A 100 -5.18 1.73 12.85
C ASN A 100 -4.94 2.70 11.71
N GLY A 101 -4.17 2.26 10.72
CA GLY A 101 -3.86 3.07 9.55
C GLY A 101 -2.72 4.04 9.70
N LYS A 102 -2.14 4.19 10.91
CA LYS A 102 -1.08 5.17 11.15
C LYS A 102 0.24 4.49 11.45
N LEU A 103 1.34 5.11 11.00
CA LEU A 103 2.67 4.64 11.34
C LEU A 103 3.01 5.11 12.76
N ILE A 104 3.32 4.17 13.66
CA ILE A 104 3.54 4.53 15.06
C ILE A 104 4.95 4.19 15.52
N ALA A 105 5.86 3.87 14.60
CA ALA A 105 7.26 3.68 14.94
C ALA A 105 8.08 3.66 13.66
N TYR A 106 9.41 3.72 13.83
CA TYR A 106 10.37 3.52 12.77
C TYR A 106 10.89 2.09 12.83
N PRO A 107 10.76 1.29 11.78
CA PRO A 107 11.39 -0.04 11.77
C PRO A 107 12.90 0.06 11.63
N ILE A 108 13.61 -0.82 12.35
CA ILE A 108 15.06 -0.82 12.36
C ILE A 108 15.63 -2.12 11.80
N ALA A 109 15.19 -3.25 12.34
CA ALA A 109 15.84 -4.52 12.01
C ALA A 109 14.82 -5.63 11.98
N VAL A 110 15.13 -6.70 11.26
CA VAL A 110 14.25 -7.84 11.10
C VAL A 110 14.92 -9.06 11.71
N GLU A 111 14.29 -9.63 12.74
CA GLU A 111 14.88 -10.67 13.57
C GLU A 111 14.13 -11.98 13.44
N ALA A 112 14.87 -13.07 13.38
CA ALA A 112 14.27 -14.39 13.52
C ALA A 112 15.31 -15.28 14.18
N LEU A 113 14.83 -16.27 14.92
CA LEU A 113 15.71 -17.27 15.49
C LEU A 113 16.21 -18.23 14.41
N SER A 114 17.43 -18.73 14.61
CA SER A 114 18.05 -19.75 13.80
C SER A 114 18.67 -20.81 14.69
N LEU A 115 19.00 -21.94 14.06
CA LEU A 115 19.81 -22.95 14.72
C LEU A 115 21.27 -22.55 14.60
N ILE A 116 21.94 -22.40 15.73
CA ILE A 116 23.37 -22.09 15.77
C ILE A 116 24.12 -23.35 16.19
N TYR A 117 25.15 -23.72 15.45
CA TYR A 117 25.79 -25.00 15.70
C TYR A 117 27.29 -24.85 15.73
N ASN A 118 27.94 -25.70 16.52
CA ASN A 118 29.39 -25.76 16.61
C ASN A 118 29.89 -26.62 15.44
N LYS A 119 30.62 -25.98 14.51
CA LYS A 119 31.02 -26.68 13.28
C LYS A 119 31.92 -27.86 13.59
N ASP A 120 32.63 -27.81 14.71
CA ASP A 120 33.60 -28.84 15.02
C ASP A 120 32.99 -29.97 15.80
N LEU A 121 31.85 -29.74 16.46
CA LEU A 121 31.17 -30.83 17.14
C LEU A 121 30.11 -31.49 16.26
N VAL A 122 29.42 -30.73 15.41
CA VAL A 122 28.42 -31.27 14.49
C VAL A 122 28.65 -30.66 13.12
N PRO A 123 29.60 -31.19 12.35
CA PRO A 123 29.88 -30.64 11.01
C PRO A 123 28.67 -30.61 10.10
N ASN A 124 27.80 -31.61 10.20
CA ASN A 124 26.53 -31.65 9.46
C ASN A 124 25.40 -31.57 10.48
N PRO A 125 24.90 -30.38 10.78
CA PRO A 125 23.89 -30.23 11.85
C PRO A 125 22.59 -30.95 11.49
N PRO A 126 21.83 -31.36 12.50
CA PRO A 126 20.61 -32.14 12.23
C PRO A 126 19.55 -31.31 11.53
N LYS A 127 18.88 -31.94 10.55
CA LYS A 127 17.81 -31.27 9.84
C LYS A 127 16.45 -31.48 10.50
N THR A 128 16.33 -32.48 11.39
CA THR A 128 15.08 -32.76 12.09
C THR A 128 15.26 -32.68 13.60
N TRP A 129 14.17 -32.30 14.29
CA TRP A 129 14.15 -32.37 15.74
C TRP A 129 14.24 -33.80 16.23
N GLU A 130 13.62 -34.72 15.49
CA GLU A 130 13.49 -36.10 15.94
C GLU A 130 14.82 -36.81 16.08
N GLU A 131 15.85 -36.36 15.35
CA GLU A 131 17.15 -37.01 15.42
C GLU A 131 18.04 -36.46 16.52
N ILE A 132 17.58 -35.44 17.25
CA ILE A 132 18.42 -34.81 18.26
C ILE A 132 18.65 -35.71 19.46
N PRO A 133 17.66 -36.49 19.95
CA PRO A 133 17.96 -37.41 21.06
C PRO A 133 19.11 -38.37 20.77
N ALA A 134 19.17 -38.95 19.57
CA ALA A 134 20.27 -39.88 19.26
C ALA A 134 21.60 -39.14 19.25
N LEU A 135 21.62 -37.92 18.72
CA LEU A 135 22.84 -37.13 18.74
C LEU A 135 23.26 -36.81 20.17
N ASP A 136 22.29 -36.47 21.03
CA ASP A 136 22.60 -36.18 22.42
C ASP A 136 23.23 -37.38 23.11
N LYS A 137 22.74 -38.58 22.82
CA LYS A 137 23.31 -39.74 23.51
C LYS A 137 24.79 -39.91 23.17
N GLU A 138 25.15 -39.68 21.90
CA GLU A 138 26.57 -39.79 21.54
C GLU A 138 27.40 -38.66 22.13
N LEU A 139 26.85 -37.44 22.17
CA LEU A 139 27.62 -36.36 22.78
C LEU A 139 27.76 -36.54 24.27
N LYS A 140 26.78 -37.16 24.95
CA LYS A 140 26.86 -37.30 26.39
C LYS A 140 28.01 -38.22 26.82
N VAL A 141 28.37 -39.19 25.99
CA VAL A 141 29.53 -40.02 26.36
C VAL A 141 30.82 -39.22 26.27
N LYS A 142 30.81 -38.09 25.56
CA LYS A 142 31.95 -37.18 25.50
C LYS A 142 31.86 -36.05 26.51
N GLY A 143 30.89 -36.11 27.44
CA GLY A 143 30.72 -35.06 28.40
C GLY A 143 30.02 -33.82 27.87
N LYS A 144 29.34 -33.92 26.74
CA LYS A 144 28.69 -32.80 26.08
C LYS A 144 27.20 -33.08 25.91
N SER A 145 26.49 -32.11 25.35
CA SER A 145 25.08 -32.28 25.04
C SER A 145 24.82 -31.79 23.63
N ALA A 146 23.70 -32.22 23.07
CA ALA A 146 23.36 -31.85 21.70
C ALA A 146 22.91 -30.39 21.60
N ILE A 147 21.99 -29.95 22.46
CA ILE A 147 21.39 -28.63 22.26
C ILE A 147 20.95 -28.04 23.60
N MET A 148 21.16 -26.72 23.74
CA MET A 148 20.64 -26.00 24.90
C MET A 148 20.16 -24.64 24.44
N PHE A 149 18.94 -24.28 24.81
CA PHE A 149 18.42 -22.95 24.51
C PHE A 149 17.48 -22.53 25.63
N ASN A 150 17.16 -21.24 25.62
CA ASN A 150 16.35 -20.63 26.68
C ASN A 150 14.96 -21.22 26.74
N LEU A 151 14.63 -21.90 27.84
CA LEU A 151 13.29 -22.45 28.02
C LEU A 151 12.41 -21.59 28.91
N GLN A 152 12.86 -20.41 29.31
CA GLN A 152 12.04 -19.56 30.17
C GLN A 152 11.24 -18.54 29.38
N GLU A 153 11.64 -18.25 28.14
CA GLU A 153 10.92 -17.28 27.32
C GLU A 153 10.25 -17.98 26.15
N PRO A 154 8.93 -17.83 25.98
CA PRO A 154 8.23 -18.62 24.95
C PRO A 154 8.64 -18.30 23.54
N TYR A 155 9.28 -17.14 23.33
CA TYR A 155 9.85 -16.82 22.02
C TYR A 155 10.70 -17.96 21.47
N PHE A 156 11.44 -18.64 22.35
CA PHE A 156 12.41 -19.62 21.89
C PHE A 156 11.79 -20.99 21.62
N THR A 157 10.69 -21.31 22.30
CA THR A 157 10.00 -22.58 22.10
C THR A 157 8.89 -22.48 21.07
N TRP A 158 8.38 -21.28 20.80
CA TRP A 158 7.34 -21.10 19.81
C TRP A 158 7.65 -21.71 18.44
N PRO A 159 8.85 -21.62 17.87
CA PRO A 159 9.03 -22.19 16.52
C PRO A 159 8.69 -23.67 16.46
N LEU A 160 8.98 -24.39 17.54
CA LEU A 160 8.62 -25.82 17.62
C LEU A 160 7.12 -26.01 17.81
N ILE A 161 6.49 -25.14 18.63
CA ILE A 161 5.05 -25.28 18.88
C ILE A 161 4.25 -24.99 17.61
N ALA A 162 4.69 -24.00 16.82
CA ALA A 162 3.99 -23.66 15.59
C ALA A 162 4.22 -24.65 14.46
N ALA A 163 5.30 -25.43 14.51
CA ALA A 163 5.71 -26.24 13.36
C ALA A 163 4.59 -27.14 12.85
N ASP A 164 3.92 -27.86 13.75
CA ASP A 164 2.87 -28.79 13.34
C ASP A 164 1.47 -28.18 13.31
N GLY A 165 1.34 -26.89 13.59
CA GLY A 165 0.04 -26.26 13.41
C GLY A 165 -0.36 -25.23 14.45
N GLY A 166 0.44 -25.07 15.50
CA GLY A 166 0.18 -24.00 16.45
C GLY A 166 0.22 -22.64 15.79
N TYR A 167 -0.62 -21.74 16.30
CA TYR A 167 -0.57 -20.36 15.84
C TYR A 167 -1.11 -19.43 16.93
N ALA A 168 -0.79 -18.14 16.79
CA ALA A 168 -1.26 -17.16 17.75
C ALA A 168 -2.66 -16.71 17.38
N PHE A 169 -2.79 -15.68 16.53
CA PHE A 169 -4.09 -15.21 16.04
C PHE A 169 -4.17 -15.46 14.54
N LYS A 170 -5.30 -16.00 14.09
CA LYS A 170 -5.49 -16.20 12.66
C LYS A 170 -5.70 -14.87 11.96
N PHE A 171 -5.03 -14.69 10.83
CA PHE A 171 -5.20 -13.49 10.02
C PHE A 171 -6.23 -13.76 8.92
N GLU A 172 -7.19 -12.85 8.78
CA GLU A 172 -8.15 -12.90 7.69
C GLU A 172 -7.74 -11.88 6.64
N ASN A 173 -7.43 -12.36 5.44
CA ASN A 173 -6.94 -11.49 4.37
C ASN A 173 -8.02 -10.50 3.95
N GLY A 174 -7.58 -9.32 3.54
CA GLY A 174 -8.51 -8.36 2.98
C GLY A 174 -9.23 -8.91 1.77
N LYS A 175 -10.48 -8.49 1.59
CA LYS A 175 -11.32 -9.06 0.55
C LYS A 175 -12.44 -8.07 0.23
N TYR A 176 -12.87 -8.08 -1.03
CA TYR A 176 -14.08 -7.37 -1.42
C TYR A 176 -15.31 -8.21 -1.05
N ASP A 177 -16.29 -7.56 -0.43
CA ASP A 177 -17.57 -8.20 -0.13
C ASP A 177 -18.45 -8.06 -1.36
N VAL A 178 -18.58 -9.15 -2.13
CA VAL A 178 -19.30 -9.10 -3.40
C VAL A 178 -20.80 -8.90 -3.23
N LYS A 179 -21.31 -8.95 -2.00
CA LYS A 179 -22.72 -8.69 -1.74
C LYS A 179 -22.96 -7.27 -1.21
N ASP A 180 -21.91 -6.51 -0.92
CA ASP A 180 -22.03 -5.16 -0.40
C ASP A 180 -21.70 -4.20 -1.55
N VAL A 181 -22.74 -3.81 -2.28
CA VAL A 181 -22.61 -3.03 -3.51
C VAL A 181 -23.29 -1.68 -3.29
N GLY A 182 -22.66 -0.61 -3.77
CA GLY A 182 -23.14 0.74 -3.49
C GLY A 182 -23.64 1.50 -4.69
N VAL A 183 -24.32 0.80 -5.60
CA VAL A 183 -24.76 1.41 -6.84
C VAL A 183 -26.10 2.13 -6.68
N ASP A 184 -26.94 1.70 -5.72
CA ASP A 184 -28.26 2.31 -5.54
C ASP A 184 -28.43 2.95 -4.15
N ASN A 185 -27.34 3.41 -3.54
CA ASN A 185 -27.50 4.16 -2.30
C ASN A 185 -27.77 5.64 -2.61
N ALA A 186 -27.96 6.43 -1.54
CA ALA A 186 -28.42 7.80 -1.71
C ALA A 186 -27.37 8.64 -2.43
N GLY A 187 -26.09 8.38 -2.15
CA GLY A 187 -25.04 9.15 -2.80
C GLY A 187 -24.93 8.86 -4.29
N ALA A 188 -25.01 7.57 -4.66
CA ALA A 188 -25.05 7.22 -6.09
C ALA A 188 -26.21 7.90 -6.79
N LYS A 189 -27.39 7.88 -6.18
CA LYS A 189 -28.55 8.48 -6.81
C LYS A 189 -28.39 10.00 -6.94
N ALA A 190 -27.78 10.64 -5.94
CA ALA A 190 -27.61 12.09 -6.00
C ALA A 190 -26.72 12.50 -7.16
N GLY A 191 -25.62 11.77 -7.37
CA GLY A 191 -24.73 12.12 -8.45
C GLY A 191 -25.34 11.86 -9.81
N LEU A 192 -26.01 10.71 -9.99
CA LEU A 192 -26.65 10.46 -11.28
C LEU A 192 -27.80 11.44 -11.52
N THR A 193 -28.54 11.80 -10.47
CA THR A 193 -29.61 12.81 -10.60
C THR A 193 -29.04 14.12 -11.10
N PHE A 194 -27.86 14.53 -10.61
CA PHE A 194 -27.27 15.77 -11.09
C PHE A 194 -26.93 15.69 -12.56
N LEU A 195 -26.33 14.57 -13.01
CA LEU A 195 -26.08 14.37 -14.43
C LEU A 195 -27.38 14.49 -15.23
N ILE A 196 -28.44 13.82 -14.77
CA ILE A 196 -29.70 13.85 -15.50
C ILE A 196 -30.28 15.26 -15.50
N ASP A 197 -30.11 15.98 -14.39
CA ASP A 197 -30.60 17.37 -14.34
C ASP A 197 -29.82 18.25 -15.32
N MET A 198 -28.50 18.01 -15.48
CA MET A 198 -27.79 18.79 -16.50
C MET A 198 -28.31 18.47 -17.89
N ILE A 199 -28.68 17.20 -18.14
CA ILE A 199 -29.18 16.84 -19.46
C ILE A 199 -30.55 17.47 -19.70
N LYS A 200 -31.43 17.43 -18.70
CA LYS A 200 -32.74 18.06 -18.80
C LYS A 200 -32.63 19.55 -19.06
N ASN A 201 -31.65 20.19 -18.44
CA ASN A 201 -31.40 21.63 -18.58
C ASN A 201 -30.65 21.96 -19.85
N LYS A 202 -30.36 20.96 -20.69
CA LYS A 202 -29.68 21.09 -21.96
C LYS A 202 -28.24 21.57 -21.81
N ASN A 203 -27.63 21.34 -20.64
CA ASN A 203 -26.20 21.58 -20.50
C ASN A 203 -25.38 20.47 -21.16
N MET A 204 -25.97 19.28 -21.30
CA MET A 204 -25.35 18.17 -21.99
C MET A 204 -26.43 17.42 -22.74
N SER A 205 -26.00 16.57 -23.68
CA SER A 205 -26.89 15.77 -24.48
C SER A 205 -26.61 14.29 -24.21
N ALA A 206 -27.69 13.50 -24.05
CA ALA A 206 -27.52 12.11 -23.67
C ALA A 206 -26.75 11.30 -24.71
N ASP A 207 -26.72 11.73 -25.96
CA ASP A 207 -26.10 10.93 -27.01
C ASP A 207 -24.61 11.23 -27.20
N THR A 208 -24.03 12.14 -26.40
CA THR A 208 -22.62 12.46 -26.55
C THR A 208 -21.76 11.24 -26.22
N ASP A 209 -20.86 10.90 -27.13
CA ASP A 209 -19.98 9.75 -26.95
C ASP A 209 -18.52 10.23 -26.97
N TYR A 210 -17.59 9.29 -27.04
CA TYR A 210 -16.17 9.66 -26.96
C TYR A 210 -15.77 10.56 -28.13
N SER A 211 -16.14 10.17 -29.35
CA SER A 211 -15.74 10.93 -30.54
C SER A 211 -16.32 12.33 -30.53
N ILE A 212 -17.60 12.47 -30.20
CA ILE A 212 -18.27 13.76 -30.26
C ILE A 212 -17.65 14.73 -29.26
N ALA A 213 -17.41 14.26 -28.04
CA ALA A 213 -16.84 15.12 -27.01
C ALA A 213 -15.40 15.52 -27.36
N GLU A 214 -14.62 14.57 -27.86
CA GLU A 214 -13.23 14.87 -28.23
C GLU A 214 -13.18 15.90 -29.34
N ALA A 215 -13.99 15.73 -30.38
CA ALA A 215 -14.00 16.69 -31.48
C ALA A 215 -14.41 18.07 -31.00
N ALA A 216 -15.44 18.13 -30.16
CA ALA A 216 -15.93 19.43 -29.69
C ALA A 216 -14.87 20.13 -28.84
N PHE A 217 -14.20 19.41 -27.95
CA PHE A 217 -13.19 20.07 -27.13
C PHE A 217 -12.00 20.49 -27.98
N ASN A 218 -11.52 19.60 -28.86
CA ASN A 218 -10.30 19.87 -29.61
C ASN A 218 -10.50 20.92 -30.69
N LYS A 219 -11.75 21.22 -31.06
CA LYS A 219 -12.04 22.33 -31.97
C LYS A 219 -12.45 23.60 -31.25
N GLY A 220 -12.39 23.62 -29.92
CA GLY A 220 -12.70 24.82 -29.17
C GLY A 220 -14.18 25.14 -29.05
N GLU A 221 -15.06 24.15 -29.21
CA GLU A 221 -16.50 24.38 -29.13
C GLU A 221 -17.06 24.20 -27.73
N THR A 222 -16.37 23.46 -26.88
CA THR A 222 -16.74 23.32 -25.48
C THR A 222 -15.53 23.66 -24.63
N ALA A 223 -15.77 24.26 -23.47
CA ALA A 223 -14.67 24.76 -22.65
C ALA A 223 -13.97 23.65 -21.87
N MET A 224 -14.61 22.52 -21.65
CA MET A 224 -14.05 21.50 -20.77
C MET A 224 -14.44 20.13 -21.26
N THR A 225 -13.62 19.13 -20.90
CA THR A 225 -14.00 17.75 -21.13
C THR A 225 -13.44 16.92 -19.97
N ILE A 226 -13.84 15.65 -19.92
CA ILE A 226 -13.33 14.70 -18.93
C ILE A 226 -12.73 13.56 -19.72
N ASN A 227 -11.43 13.33 -19.51
CA ASN A 227 -10.74 12.27 -20.25
C ASN A 227 -9.47 11.89 -19.51
N GLY A 228 -8.80 10.86 -20.01
CA GLY A 228 -7.59 10.36 -19.41
C GLY A 228 -6.38 10.72 -20.24
N PRO A 229 -5.22 10.22 -19.81
CA PRO A 229 -3.95 10.66 -20.43
C PRO A 229 -3.82 10.32 -21.90
N TRP A 230 -4.41 9.21 -22.35
CA TRP A 230 -4.35 8.83 -23.75
C TRP A 230 -4.91 9.91 -24.68
N ALA A 231 -5.81 10.77 -24.18
CA ALA A 231 -6.43 11.79 -25.01
C ALA A 231 -5.54 12.99 -25.23
N TRP A 232 -4.46 13.14 -24.46
CA TRP A 232 -3.72 14.40 -24.51
C TRP A 232 -3.03 14.61 -25.85
N SER A 233 -2.59 13.52 -26.49
CA SER A 233 -1.81 13.66 -27.72
C SER A 233 -2.61 14.37 -28.81
N ASN A 234 -3.89 14.03 -28.96
CA ASN A 234 -4.72 14.69 -29.95
C ASN A 234 -4.97 16.15 -29.57
N ILE A 235 -5.01 16.47 -28.27
CA ILE A 235 -5.19 17.88 -27.93
C ILE A 235 -3.92 18.66 -28.21
N ASP A 236 -2.76 18.05 -27.96
CA ASP A 236 -1.49 18.69 -28.30
C ASP A 236 -1.46 19.15 -29.75
N LYS A 237 -1.94 18.29 -30.66
CA LYS A 237 -1.94 18.59 -32.09
C LYS A 237 -3.00 19.61 -32.48
N SER A 238 -4.03 19.78 -31.67
CA SER A 238 -5.09 20.73 -31.94
C SER A 238 -4.61 22.16 -31.66
N LYS A 239 -5.49 23.12 -31.96
CA LYS A 239 -5.18 24.51 -31.67
C LYS A 239 -5.39 24.88 -30.21
N VAL A 240 -6.00 24.01 -29.40
CA VAL A 240 -6.47 24.38 -28.07
C VAL A 240 -5.30 24.39 -27.10
N ASN A 241 -5.22 25.45 -26.31
CA ASN A 241 -4.33 25.50 -25.16
C ASN A 241 -5.10 25.00 -23.94
N TYR A 242 -4.75 23.81 -23.48
CA TYR A 242 -5.51 23.11 -22.46
C TYR A 242 -4.67 22.92 -21.20
N GLY A 243 -5.37 22.84 -20.07
CA GLY A 243 -4.80 22.47 -18.81
C GLY A 243 -5.49 21.21 -18.30
N VAL A 244 -4.87 20.53 -17.35
CA VAL A 244 -5.41 19.32 -16.76
C VAL A 244 -5.46 19.54 -15.25
N THR A 245 -6.62 19.30 -14.63
CA THR A 245 -6.77 19.69 -13.23
C THR A 245 -7.71 18.73 -12.53
N LEU A 246 -7.96 19.03 -11.26
CA LEU A 246 -8.89 18.24 -10.45
C LEU A 246 -10.30 18.26 -11.04
N LEU A 247 -10.95 17.09 -11.00
CA LEU A 247 -12.36 17.02 -11.31
C LEU A 247 -13.14 17.91 -10.34
N PRO A 248 -14.28 18.44 -10.77
CA PRO A 248 -15.08 19.28 -9.87
C PRO A 248 -15.61 18.48 -8.70
N THR A 249 -15.83 19.17 -7.59
CA THR A 249 -16.48 18.56 -6.43
C THR A 249 -17.98 18.52 -6.63
N PHE A 250 -18.62 17.64 -5.87
CA PHE A 250 -20.07 17.51 -5.85
C PHE A 250 -20.53 17.48 -4.41
N LYS A 251 -21.50 18.32 -4.07
CA LYS A 251 -21.93 18.51 -2.68
C LYS A 251 -20.74 18.68 -1.75
N GLY A 252 -19.72 19.42 -2.21
CA GLY A 252 -18.53 19.67 -1.42
C GLY A 252 -17.52 18.55 -1.36
N LYS A 253 -17.78 17.41 -1.99
CA LYS A 253 -16.92 16.24 -1.91
C LYS A 253 -16.19 16.02 -3.22
N PRO A 254 -14.95 15.51 -3.18
CA PRO A 254 -14.21 15.28 -4.43
C PRO A 254 -14.90 14.24 -5.30
N SER A 255 -14.84 14.45 -6.60
CA SER A 255 -15.18 13.39 -7.54
C SER A 255 -14.17 12.27 -7.38
N LYS A 256 -14.64 11.03 -7.53
CA LYS A 256 -13.84 9.86 -7.18
C LYS A 256 -13.71 8.95 -8.40
N PRO A 257 -12.79 9.24 -9.31
CA PRO A 257 -12.63 8.40 -10.49
C PRO A 257 -12.06 7.04 -10.12
N PHE A 258 -12.45 6.02 -10.88
CA PHE A 258 -11.85 4.70 -10.73
C PHE A 258 -10.44 4.71 -11.32
N VAL A 259 -9.48 4.15 -10.59
CA VAL A 259 -8.09 4.14 -11.04
C VAL A 259 -7.83 2.80 -11.73
N GLY A 260 -7.37 2.86 -12.97
CA GLY A 260 -7.02 1.67 -13.75
C GLY A 260 -5.54 1.53 -13.90
N VAL A 261 -5.04 0.31 -13.73
CA VAL A 261 -3.65 -0.01 -14.02
C VAL A 261 -3.65 -0.73 -15.36
N LEU A 262 -3.17 -0.06 -16.39
CA LEU A 262 -2.99 -0.72 -17.68
C LEU A 262 -2.02 -1.86 -17.47
N SER A 263 -2.43 -3.06 -17.85
CA SER A 263 -1.68 -4.28 -17.55
C SER A 263 -1.54 -5.15 -18.78
N ALA A 264 -0.46 -5.94 -18.80
CA ALA A 264 -0.18 -6.85 -19.91
C ALA A 264 -0.18 -8.27 -19.36
N GLY A 265 -1.15 -9.05 -19.79
CA GLY A 265 -1.24 -10.45 -19.39
C GLY A 265 -0.72 -11.37 -20.48
N ILE A 266 -0.18 -12.52 -20.06
CA ILE A 266 0.33 -13.53 -20.98
C ILE A 266 -0.70 -14.66 -21.07
N ASN A 267 -1.14 -14.95 -22.29
CA ASN A 267 -2.16 -15.96 -22.54
C ASN A 267 -1.66 -17.31 -22.05
N ALA A 268 -2.50 -18.01 -21.27
CA ALA A 268 -2.12 -19.35 -20.79
C ALA A 268 -1.89 -20.32 -21.94
N ALA A 269 -2.53 -20.10 -23.09
CA ALA A 269 -2.36 -20.95 -24.26
C ALA A 269 -1.18 -20.54 -25.14
N SER A 270 -0.44 -19.50 -24.76
CA SER A 270 0.64 -19.04 -25.61
C SER A 270 1.80 -20.02 -25.61
N PRO A 271 2.28 -20.44 -26.77
CA PRO A 271 3.54 -21.20 -26.84
C PRO A 271 4.78 -20.33 -26.76
N ASN A 272 4.63 -19.04 -26.46
CA ASN A 272 5.72 -18.06 -26.48
C ASN A 272 5.87 -17.36 -25.13
N LYS A 273 5.59 -18.06 -24.03
CA LYS A 273 5.59 -17.41 -22.72
C LYS A 273 6.97 -16.86 -22.37
N GLU A 274 8.03 -17.57 -22.74
CA GLU A 274 9.37 -17.08 -22.45
C GLU A 274 9.69 -15.82 -23.26
N LEU A 275 9.35 -15.82 -24.56
CA LEU A 275 9.53 -14.61 -25.36
C LEU A 275 8.71 -13.46 -24.82
N ALA A 276 7.47 -13.74 -24.37
CA ALA A 276 6.62 -12.67 -23.86
C ALA A 276 7.23 -12.03 -22.62
N LYS A 277 7.76 -12.86 -21.72
CA LYS A 277 8.45 -12.34 -20.53
C LYS A 277 9.62 -11.45 -20.94
N GLU A 278 10.43 -11.92 -21.90
CA GLU A 278 11.59 -11.14 -22.35
C GLU A 278 11.15 -9.79 -22.91
N PHE A 279 10.13 -9.78 -23.77
CA PHE A 279 9.64 -8.53 -24.35
C PHE A 279 9.14 -7.58 -23.28
N LEU A 280 8.31 -8.07 -22.35
CA LEU A 280 7.67 -7.18 -21.39
C LEU A 280 8.67 -6.67 -20.36
N GLU A 281 9.55 -7.54 -19.86
CA GLU A 281 10.48 -7.14 -18.81
C GLU A 281 11.64 -6.31 -19.36
N ASN A 282 12.19 -6.69 -20.50
CA ASN A 282 13.46 -6.13 -20.95
C ASN A 282 13.33 -5.18 -22.13
N TYR A 283 12.14 -5.05 -22.71
CA TYR A 283 11.95 -4.08 -23.79
C TYR A 283 10.87 -3.07 -23.46
N LEU A 284 9.66 -3.51 -23.12
CA LEU A 284 8.58 -2.55 -22.86
C LEU A 284 8.80 -1.82 -21.55
N LEU A 285 9.04 -2.56 -20.47
CA LEU A 285 9.20 -1.97 -19.14
C LEU A 285 10.63 -1.45 -18.92
N THR A 286 11.08 -0.63 -19.86
CA THR A 286 12.30 0.15 -19.76
C THR A 286 11.96 1.62 -19.96
N ASP A 287 12.89 2.51 -19.61
CA ASP A 287 12.67 3.92 -19.88
C ASP A 287 12.42 4.16 -21.37
N GLN A 288 13.23 3.52 -22.23
CA GLN A 288 13.10 3.72 -23.66
C GLN A 288 11.82 3.11 -24.20
N GLY A 289 11.43 1.95 -23.69
CA GLY A 289 10.22 1.30 -24.17
C GLY A 289 8.98 2.09 -23.83
N LEU A 290 8.88 2.53 -22.58
CA LEU A 290 7.71 3.32 -22.17
C LEU A 290 7.70 4.67 -22.87
N GLU A 291 8.87 5.28 -23.07
CA GLU A 291 8.92 6.55 -23.78
C GLU A 291 8.35 6.42 -25.18
N ALA A 292 8.62 5.29 -25.86
CA ALA A 292 8.14 5.11 -27.22
C ALA A 292 6.62 5.03 -27.26
N VAL A 293 6.02 4.27 -26.34
CA VAL A 293 4.57 4.22 -26.26
C VAL A 293 4.01 5.58 -25.84
N ASN A 294 4.62 6.18 -24.83
CA ASN A 294 4.13 7.44 -24.27
C ASN A 294 4.14 8.57 -25.32
N LYS A 295 5.15 8.58 -26.19
CA LYS A 295 5.24 9.58 -27.25
C LYS A 295 4.09 9.45 -28.25
N ASP A 296 3.56 8.25 -28.42
CA ASP A 296 2.42 8.03 -29.29
C ASP A 296 1.13 8.52 -28.62
N LYS A 297 0.72 7.87 -27.53
CA LYS A 297 -0.38 8.33 -26.68
C LYS A 297 0.08 8.24 -25.24
N PRO A 298 -0.02 9.32 -24.46
CA PRO A 298 0.50 9.31 -23.10
C PRO A 298 -0.14 8.21 -22.25
N LEU A 299 0.72 7.52 -21.49
CA LEU A 299 0.32 6.43 -20.61
C LEU A 299 -0.28 6.93 -19.30
N GLY A 300 -0.02 8.18 -18.93
CA GLY A 300 -0.31 8.64 -17.58
C GLY A 300 0.89 8.45 -16.69
N ALA A 301 0.66 8.24 -15.41
CA ALA A 301 1.74 7.78 -14.55
C ALA A 301 2.10 6.36 -14.94
N VAL A 302 3.37 6.00 -14.81
CA VAL A 302 3.78 4.66 -15.19
C VAL A 302 4.19 3.87 -13.95
N ALA A 303 4.13 2.56 -14.08
CA ALA A 303 4.47 1.68 -12.98
C ALA A 303 5.97 1.61 -12.74
N LEU A 304 6.76 1.92 -13.77
CA LEU A 304 8.21 1.84 -13.72
C LEU A 304 8.77 3.06 -13.02
N LYS A 305 9.32 2.85 -11.81
CA LYS A 305 9.78 3.96 -10.97
C LYS A 305 10.72 4.89 -11.70
N SER A 306 11.68 4.34 -12.46
CA SER A 306 12.71 5.17 -13.07
C SER A 306 12.11 6.15 -14.08
N PHE A 307 11.12 5.70 -14.87
CA PHE A 307 10.51 6.58 -15.85
C PHE A 307 9.44 7.49 -15.22
N GLN A 308 8.75 7.01 -14.18
CA GLN A 308 7.75 7.85 -13.53
C GLN A 308 8.37 9.08 -12.91
N GLU A 309 9.58 8.96 -12.35
CA GLU A 309 10.25 10.12 -11.79
C GLU A 309 10.55 11.18 -12.83
N GLN A 310 10.62 10.79 -14.11
CA GLN A 310 10.79 11.76 -15.19
C GLN A 310 9.48 12.39 -15.64
N LEU A 311 8.35 11.74 -15.37
CA LEU A 311 7.04 12.27 -15.70
C LEU A 311 6.42 13.09 -14.58
N ALA A 312 6.84 12.85 -13.32
CA ALA A 312 6.14 13.39 -12.17
C ALA A 312 6.09 14.91 -12.17
N LYS A 313 7.01 15.58 -12.86
CA LYS A 313 7.06 17.03 -12.90
C LYS A 313 5.94 17.63 -13.74
N ASP A 314 5.50 16.91 -14.76
CA ASP A 314 4.48 17.41 -15.70
C ASP A 314 3.19 17.71 -14.95
N PRO A 315 2.68 18.94 -15.01
CA PRO A 315 1.42 19.23 -14.28
C PRO A 315 0.28 18.32 -14.69
N ARG A 316 0.26 17.84 -15.93
CA ARG A 316 -0.81 16.92 -16.33
C ARG A 316 -0.72 15.62 -15.56
N ILE A 317 0.50 15.14 -15.30
CA ILE A 317 0.67 13.92 -14.54
C ILE A 317 0.37 14.15 -13.08
N ALA A 318 0.78 15.31 -12.55
CA ALA A 318 0.46 15.66 -11.17
C ALA A 318 -1.05 15.69 -10.96
N ALA A 319 -1.78 16.29 -11.89
CA ALA A 319 -3.24 16.32 -11.78
C ALA A 319 -3.83 14.91 -11.88
N THR A 320 -3.29 14.09 -12.78
CA THR A 320 -3.72 12.69 -12.90
C THR A 320 -3.61 11.98 -11.56
N MET A 321 -2.49 12.14 -10.88
CA MET A 321 -2.28 11.46 -9.61
C MET A 321 -3.07 12.08 -8.48
N ASP A 322 -3.36 13.39 -8.55
CA ASP A 322 -4.22 14.00 -7.55
C ASP A 322 -5.63 13.45 -7.66
N ASN A 323 -6.19 13.40 -8.88
CA ASN A 323 -7.49 12.77 -9.05
C ASN A 323 -7.45 11.29 -8.67
N ALA A 324 -6.36 10.59 -8.99
CA ALA A 324 -6.25 9.17 -8.65
C ALA A 324 -6.33 8.96 -7.14
N GLN A 325 -5.69 9.82 -6.37
CA GLN A 325 -5.68 9.68 -4.92
C GLN A 325 -7.06 9.96 -4.33
N LYS A 326 -7.83 10.87 -4.93
CA LYS A 326 -9.19 11.10 -4.45
C LYS A 326 -10.10 9.94 -4.80
N GLY A 327 -9.80 9.22 -5.86
CA GLY A 327 -10.57 8.09 -6.30
C GLY A 327 -10.13 6.79 -5.64
N GLU A 328 -10.40 5.70 -6.33
CA GLU A 328 -10.16 4.36 -5.79
C GLU A 328 -9.62 3.45 -6.87
N ILE A 329 -8.62 2.63 -6.52
CA ILE A 329 -8.19 1.57 -7.42
C ILE A 329 -9.35 0.62 -7.68
N MET A 330 -9.54 0.27 -8.95
CA MET A 330 -10.60 -0.67 -9.27
C MET A 330 -10.30 -2.03 -8.65
N PRO A 331 -11.32 -2.75 -8.21
CA PRO A 331 -11.12 -4.18 -7.93
C PRO A 331 -10.75 -4.91 -9.22
N ASN A 332 -10.06 -6.04 -9.07
CA ASN A 332 -9.83 -6.90 -10.23
C ASN A 332 -10.71 -8.14 -10.22
N ILE A 333 -11.67 -8.23 -9.30
CA ILE A 333 -12.45 -9.45 -9.10
C ILE A 333 -13.32 -9.76 -10.32
N PRO A 334 -13.70 -11.02 -10.55
CA PRO A 334 -14.48 -11.34 -11.76
C PRO A 334 -15.80 -10.59 -11.84
N GLN A 335 -16.37 -10.20 -10.70
CA GLN A 335 -17.64 -9.51 -10.64
C GLN A 335 -17.57 -8.10 -11.21
N MET A 336 -16.36 -7.61 -11.51
CA MET A 336 -16.26 -6.23 -12.00
C MET A 336 -16.92 -6.06 -13.35
N SER A 337 -16.87 -7.07 -14.23
CA SER A 337 -17.50 -6.89 -15.52
C SER A 337 -19.03 -6.81 -15.38
N ALA A 338 -19.60 -7.64 -14.51
CA ALA A 338 -21.03 -7.52 -14.21
C ALA A 338 -21.38 -6.13 -13.69
N PHE A 339 -20.56 -5.58 -12.80
CA PHE A 339 -20.77 -4.22 -12.30
C PHE A 339 -20.81 -3.22 -13.45
N TRP A 340 -19.81 -3.27 -14.34
CA TRP A 340 -19.74 -2.28 -15.41
C TRP A 340 -20.90 -2.41 -16.38
N TYR A 341 -21.26 -3.64 -16.76
CA TYR A 341 -22.39 -3.83 -17.67
C TYR A 341 -23.68 -3.28 -17.06
N ALA A 342 -23.90 -3.54 -15.77
CA ALA A 342 -25.13 -3.09 -15.12
C ALA A 342 -25.16 -1.57 -14.99
N VAL A 343 -24.03 -0.96 -14.63
CA VAL A 343 -23.98 0.49 -14.46
C VAL A 343 -24.10 1.19 -15.81
N ARG A 344 -23.48 0.64 -16.86
CA ARG A 344 -23.65 1.19 -18.20
C ARG A 344 -25.13 1.30 -18.56
N THR A 345 -25.88 0.20 -18.38
CA THR A 345 -27.30 0.22 -18.69
C THR A 345 -28.04 1.23 -17.84
N ALA A 346 -27.69 1.34 -16.56
CA ALA A 346 -28.40 2.28 -15.69
C ALA A 346 -28.19 3.71 -16.16
N VAL A 347 -26.94 4.09 -16.44
CA VAL A 347 -26.66 5.47 -16.81
C VAL A 347 -27.31 5.80 -18.14
N ILE A 348 -27.18 4.91 -19.13
CA ILE A 348 -27.77 5.17 -20.44
C ILE A 348 -29.29 5.25 -20.34
N ASN A 349 -29.90 4.36 -19.55
CA ASN A 349 -31.36 4.42 -19.41
C ASN A 349 -31.81 5.67 -18.68
N ALA A 350 -31.12 6.06 -17.61
CA ALA A 350 -31.52 7.26 -16.90
C ALA A 350 -31.31 8.51 -17.76
N ALA A 351 -30.18 8.57 -18.46
CA ALA A 351 -29.87 9.77 -19.25
C ALA A 351 -30.82 9.93 -20.43
N SER A 352 -31.30 8.82 -21.00
CA SER A 352 -32.21 8.83 -22.14
C SER A 352 -33.67 8.93 -21.73
N GLY A 353 -33.97 8.85 -20.44
CA GLY A 353 -35.35 8.88 -19.98
C GLY A 353 -36.10 7.57 -20.10
N ARG A 354 -35.40 6.46 -20.39
CA ARG A 354 -36.07 5.16 -20.41
C ARG A 354 -36.32 4.61 -19.01
N GLN A 355 -35.65 5.17 -18.00
CA GLN A 355 -35.92 4.85 -16.60
C GLN A 355 -35.67 6.07 -15.75
N THR A 356 -36.33 6.14 -14.61
CA THR A 356 -35.94 7.10 -13.58
C THR A 356 -34.56 6.73 -13.04
N VAL A 357 -33.90 7.70 -12.41
CA VAL A 357 -32.60 7.43 -11.77
C VAL A 357 -32.75 6.32 -10.74
N ASP A 358 -33.79 6.40 -9.90
CA ASP A 358 -33.97 5.41 -8.85
C ASP A 358 -34.22 4.02 -9.44
N ALA A 359 -35.09 3.93 -10.45
CA ALA A 359 -35.41 2.60 -10.99
C ALA A 359 -34.22 2.01 -11.73
N ALA A 360 -33.47 2.87 -12.43
CA ALA A 360 -32.29 2.41 -13.15
C ALA A 360 -31.23 1.87 -12.19
N LEU A 361 -30.95 2.60 -11.12
CA LEU A 361 -29.88 2.15 -10.24
C LEU A 361 -30.34 0.98 -9.37
N LYS A 362 -31.61 0.93 -9.01
CA LYS A 362 -32.11 -0.25 -8.30
C LYS A 362 -31.96 -1.50 -9.15
N ASP A 363 -32.31 -1.42 -10.43
CA ASP A 363 -32.14 -2.58 -11.31
C ASP A 363 -30.66 -2.97 -11.44
N ALA A 364 -29.77 -1.99 -11.54
CA ALA A 364 -28.35 -2.33 -11.63
C ALA A 364 -27.90 -3.05 -10.37
N GLN A 365 -28.31 -2.54 -9.20
CA GLN A 365 -27.95 -3.17 -7.94
C GLN A 365 -28.42 -4.62 -7.88
N SER A 366 -29.68 -4.86 -8.29
CA SER A 366 -30.20 -6.22 -8.31
C SER A 366 -29.40 -7.12 -9.25
N ARG A 367 -29.03 -6.59 -10.43
CA ARG A 367 -28.29 -7.39 -11.40
C ARG A 367 -26.92 -7.78 -10.86
N ILE A 368 -26.26 -6.85 -10.15
CA ILE A 368 -24.89 -7.10 -9.69
C ILE A 368 -24.89 -8.10 -8.53
N THR A 369 -25.91 -8.06 -7.68
CA THR A 369 -25.92 -8.91 -6.50
C THR A 369 -26.88 -10.08 -6.70
C1 GLC B . -9.90 3.83 -21.52
C2 GLC B . -9.40 3.37 -20.13
C3 GLC B . -10.19 2.20 -19.63
C4 GLC B . -11.65 2.50 -19.58
C5 GLC B . -12.17 2.98 -20.90
C6 GLC B . -13.62 3.47 -20.83
O1 GLC B . -9.76 2.90 -22.41
O2 GLC B . -8.02 3.03 -20.24
O3 GLC B . -9.69 1.85 -18.31
O4 GLC B . -12.35 1.22 -19.29
O5 GLC B . -11.39 4.15 -21.32
O6 GLC B . -14.17 3.56 -22.14
C1 GLC B . -12.77 1.10 -17.98
C2 GLC B . -12.56 -0.35 -17.56
C3 GLC B . -13.31 -1.25 -18.48
C4 GLC B . -14.80 -0.98 -18.45
C5 GLC B . -15.05 0.52 -18.78
C6 GLC B . -16.51 0.86 -18.58
O2 GLC B . -11.13 -0.60 -17.57
O3 GLC B . -13.10 -2.66 -18.09
O4 GLC B . -15.43 -1.76 -19.49
O5 GLC B . -14.24 1.36 -17.89
O6 GLC B . -16.82 2.16 -19.09
C1 GLC B . -16.34 -2.67 -18.99
C2 GLC B . -16.19 -3.98 -19.71
C3 GLC B . -16.41 -3.85 -21.19
C4 GLC B . -17.75 -3.26 -21.52
C5 GLC B . -17.98 -1.99 -20.71
C6 GLC B . -19.41 -1.53 -20.85
O2 GLC B . -14.89 -4.49 -19.39
O3 GLC B . -16.30 -5.16 -21.80
O4 GLC B . -17.81 -2.87 -22.93
O5 GLC B . -17.71 -2.18 -19.27
O6 GLC B . -19.48 -0.17 -20.47
C1 GLC B . -18.28 -3.86 -23.76
C2 GLC B . -17.85 -3.59 -25.20
C3 GLC B . -18.62 -2.51 -25.90
C4 GLC B . -20.11 -2.69 -25.75
C5 GLC B . -20.44 -2.81 -24.26
C6 GLC B . -21.91 -2.95 -24.03
O2 GLC B . -16.45 -3.25 -25.24
O3 GLC B . -18.24 -2.54 -27.30
O4 GLC B . -20.82 -1.56 -26.27
O5 GLC B . -19.77 -3.95 -23.65
O6 GLC B . -22.35 -4.11 -24.67
C1 GLC B . -21.19 -1.69 -27.59
C2 GLC B . -21.89 -0.40 -28.06
C3 GLC B . -23.29 -0.32 -27.56
C4 GLC B . -24.10 -1.51 -27.96
C5 GLC B . -23.45 -2.78 -27.41
C6 GLC B . -24.21 -3.98 -27.88
O2 GLC B . -21.15 0.72 -27.55
O3 GLC B . -23.92 0.88 -28.09
O4 GLC B . -25.43 -1.36 -27.42
O5 GLC B . -22.04 -2.91 -27.83
O6 GLC B . -23.57 -4.51 -29.03
#